data_5DBV
#
_entry.id   5DBV
#
_cell.length_a   138.264
_cell.length_b   138.264
_cell.length_c   84.445
_cell.angle_alpha   90.00
_cell.angle_beta   90.00
_cell.angle_gamma   90.00
#
_symmetry.space_group_name_H-M   'I 41 2 2'
#
loop_
_entity.id
_entity.type
_entity.pdbx_description
1 polymer 'Aldehyde Dehydrogenase'
2 non-polymer 'SULFATE ION'
3 non-polymer 'COENZYME A'
4 non-polymer 'ACETATE ION'
5 water water
#
_entity_poly.entity_id   1
_entity_poly.type   'polypeptide(L)'
_entity_poly.pdbx_seq_one_letter_code
;MGQLTQTNKTELGVFDDMNQAIEAAKEAQLVVKKMSMDQREKIISAIRKKTIEHAETLARMAVEETGMGNVGHKILKHQL
VAEKTPGTEDITTTAWSGDRGLTLVEMGPFGVIGAITPCTNPSETIICNTIGMLAGGNTVVFNPHPAAIKTSNFAVQLIN
EASLSAGGPVNIACSVRKPTLDSSKIMMSHQDIPLIAATGGPGVVTAVLQSGKRGIGAGAGNPPVLVDETADIRKAAEDI
INGCTFDNNLPAIAEKEVVAIDAIANELMNYMVKEQGCYAITKEQQEKLTNLVITPKGLNRNCVGKDARTLLGMIGIDVP
SNIRCIIFEGEKEHPLISEELMMPILGIVRAKSFDDAVEKAVWLEHGNRHSAHIHSKNVDRITTYAKAIDTAILVKNAPS
YAAIGFGGEGFCTFTIASRTGEGLTSASTFTKRRRCVMSDSLCIR
;
_entity_poly.pdbx_strand_id   A
#
# COMPACT_ATOMS: atom_id res chain seq x y z
N LEU A 12 -17.77 -11.21 -15.07
CA LEU A 12 -17.64 -9.95 -15.79
C LEU A 12 -16.24 -9.33 -15.63
N GLY A 13 -15.44 -9.45 -16.68
CA GLY A 13 -14.01 -9.21 -16.62
C GLY A 13 -13.24 -10.39 -16.04
N VAL A 14 -13.96 -11.39 -15.55
CA VAL A 14 -13.32 -12.57 -14.95
C VAL A 14 -13.41 -13.75 -15.89
N PHE A 15 -12.27 -14.39 -16.12
CA PHE A 15 -12.15 -15.46 -17.11
C PHE A 15 -11.69 -16.77 -16.48
N ASP A 16 -11.88 -17.86 -17.21
CA ASP A 16 -11.49 -19.19 -16.74
C ASP A 16 -9.98 -19.37 -16.79
N ASP A 17 -9.30 -18.76 -17.74
CA ASP A 17 -7.84 -18.93 -17.82
C ASP A 17 -7.16 -17.63 -18.20
N MET A 18 -5.88 -17.56 -17.87
CA MET A 18 -5.12 -16.31 -17.88
C MET A 18 -4.92 -15.83 -19.31
N ASN A 19 -4.77 -16.75 -20.25
CA ASN A 19 -4.57 -16.32 -21.64
C ASN A 19 -5.80 -15.60 -22.18
N GLN A 20 -7.00 -16.13 -21.88
CA GLN A 20 -8.25 -15.46 -22.21
C GLN A 20 -8.31 -14.04 -21.61
N ALA A 21 -8.00 -13.94 -20.31
CA ALA A 21 -8.01 -12.64 -19.63
C ALA A 21 -7.15 -11.61 -20.33
N ILE A 22 -5.95 -12.04 -20.70
CA ILE A 22 -4.98 -11.16 -21.32
C ILE A 22 -5.45 -10.74 -22.72
N GLU A 23 -5.95 -11.69 -23.51
CA GLU A 23 -6.42 -11.33 -24.83
C GLU A 23 -7.57 -10.32 -24.71
N ALA A 24 -8.45 -10.53 -23.72
CA ALA A 24 -9.59 -9.63 -23.56
C ALA A 24 -9.12 -8.24 -23.20
N ALA A 25 -8.16 -8.17 -22.32
CA ALA A 25 -7.64 -6.88 -21.90
C ALA A 25 -6.92 -6.22 -23.06
N LYS A 26 -6.30 -7.03 -23.90
CA LYS A 26 -5.55 -6.50 -25.03
C LYS A 26 -6.52 -5.88 -26.03
N GLU A 27 -7.66 -6.52 -26.27
CA GLU A 27 -8.68 -5.97 -27.17
C GLU A 27 -9.22 -4.63 -26.61
N ALA A 28 -9.49 -4.61 -25.31
CA ALA A 28 -10.06 -3.44 -24.67
C ALA A 28 -9.07 -2.27 -24.76
N GLN A 29 -7.77 -2.56 -24.66
CA GLN A 29 -6.76 -1.52 -24.62
C GLN A 29 -6.66 -0.77 -25.96
N LEU A 30 -6.98 -1.44 -27.07
CA LEU A 30 -6.97 -0.77 -28.37
C LEU A 30 -7.99 0.35 -28.42
N VAL A 31 -9.03 0.22 -27.61
CA VAL A 31 -10.04 1.26 -27.49
C VAL A 31 -9.60 2.31 -26.46
N VAL A 32 -9.16 1.86 -25.29
CA VAL A 32 -8.76 2.78 -24.22
C VAL A 32 -7.69 3.75 -24.71
N LYS A 33 -6.73 3.26 -25.49
CA LYS A 33 -5.59 4.09 -25.85
C LYS A 33 -6.01 5.22 -26.75
N LYS A 34 -7.14 5.02 -27.42
CA LYS A 34 -7.68 6.03 -28.33
C LYS A 34 -8.78 6.87 -27.69
N MET A 35 -9.15 6.54 -26.46
CA MET A 35 -10.11 7.33 -25.72
C MET A 35 -9.54 8.67 -25.30
N SER A 36 -10.40 9.69 -25.28
CA SER A 36 -10.02 11.00 -24.78
C SER A 36 -9.85 10.92 -23.27
N MET A 37 -9.15 11.90 -22.70
CA MET A 37 -9.01 11.99 -21.25
C MET A 37 -10.39 12.17 -20.62
N ASP A 38 -11.28 12.92 -21.28
CA ASP A 38 -12.62 13.11 -20.75
CA ASP A 38 -12.62 13.11 -20.74
C ASP A 38 -13.35 11.77 -20.70
N GLN A 39 -13.18 10.94 -21.73
CA GLN A 39 -13.82 9.62 -21.79
C GLN A 39 -13.28 8.68 -20.69
N ARG A 40 -11.95 8.64 -20.55
CA ARG A 40 -11.33 7.88 -19.46
C ARG A 40 -11.85 8.35 -18.10
N GLU A 41 -11.93 9.66 -17.94
CA GLU A 41 -12.29 10.25 -16.66
C GLU A 41 -13.76 9.96 -16.34
N LYS A 42 -14.60 9.81 -17.36
CA LYS A 42 -16.00 9.44 -17.14
C LYS A 42 -16.07 8.04 -16.52
N ILE A 43 -15.27 7.14 -17.04
CA ILE A 43 -15.20 5.78 -16.50
C ILE A 43 -14.60 5.81 -15.09
N ILE A 44 -13.50 6.53 -14.94
CA ILE A 44 -12.85 6.63 -13.64
C ILE A 44 -13.84 7.20 -12.60
N SER A 45 -14.60 8.22 -12.97
CA SER A 45 -15.59 8.77 -12.05
C SER A 45 -16.62 7.73 -11.66
N ALA A 46 -17.03 6.92 -12.62
CA ALA A 46 -18.01 5.86 -12.36
C ALA A 46 -17.39 4.84 -11.40
N ILE A 47 -16.11 4.53 -11.57
CA ILE A 47 -15.42 3.60 -10.67
C ILE A 47 -15.34 4.15 -9.24
N ARG A 48 -15.01 5.44 -9.12
CA ARG A 48 -14.93 6.07 -7.81
C ARG A 48 -16.29 5.98 -7.13
N LYS A 49 -17.34 6.30 -7.87
CA LYS A 49 -18.71 6.33 -7.34
C LYS A 49 -19.10 4.94 -6.86
N LYS A 50 -18.80 3.93 -7.68
CA LYS A 50 -19.22 2.56 -7.35
C LYS A 50 -18.43 2.00 -6.18
N THR A 51 -17.17 2.40 -6.08
CA THR A 51 -16.33 2.01 -4.98
C THR A 51 -16.93 2.54 -3.66
N ILE A 52 -17.34 3.80 -3.67
CA ILE A 52 -17.99 4.35 -2.48
C ILE A 52 -19.31 3.65 -2.18
N GLU A 53 -20.10 3.43 -3.23
CA GLU A 53 -21.41 2.81 -3.08
C GLU A 53 -21.30 1.40 -2.48
N HIS A 54 -20.22 0.69 -2.81
CA HIS A 54 -20.07 -0.70 -2.41
C HIS A 54 -18.92 -0.91 -1.42
N ALA A 55 -18.48 0.17 -0.76
CA ALA A 55 -17.36 0.08 0.16
C ALA A 55 -17.70 -0.86 1.33
N GLU A 56 -18.92 -0.78 1.84
CA GLU A 56 -19.31 -1.65 2.97
C GLU A 56 -19.25 -3.11 2.53
N THR A 57 -19.71 -3.40 1.32
CA THR A 57 -19.72 -4.76 0.82
C THR A 57 -18.26 -5.27 0.63
N LEU A 58 -17.43 -4.48 -0.03
CA LEU A 58 -16.03 -4.83 -0.24
C LEU A 58 -15.34 -5.08 1.10
N ALA A 59 -15.64 -4.24 2.08
CA ALA A 59 -14.97 -4.30 3.37
C ALA A 59 -15.40 -5.58 4.09
N ARG A 60 -16.71 -5.85 4.10
CA ARG A 60 -17.25 -7.04 4.76
C ARG A 60 -16.71 -8.30 4.11
N MET A 61 -16.62 -8.28 2.78
CA MET A 61 -16.19 -9.46 2.04
C MET A 61 -14.77 -9.82 2.40
N ALA A 62 -13.91 -8.82 2.50
CA ALA A 62 -12.52 -9.08 2.81
C ALA A 62 -12.30 -9.69 4.20
N VAL A 63 -13.01 -9.17 5.18
CA VAL A 63 -12.89 -9.72 6.53
C VAL A 63 -13.45 -11.14 6.57
N GLU A 64 -14.58 -11.36 5.92
CA GLU A 64 -15.17 -12.68 5.92
C GLU A 64 -14.27 -13.68 5.22
N GLU A 65 -13.73 -13.28 4.09
CA GLU A 65 -12.99 -14.21 3.26
C GLU A 65 -11.61 -14.51 3.83
N THR A 66 -10.89 -13.47 4.27
CA THR A 66 -9.51 -13.62 4.73
C THR A 66 -9.39 -13.79 6.23
N GLY A 67 -10.42 -13.37 6.96
CA GLY A 67 -10.41 -13.43 8.41
C GLY A 67 -9.61 -12.28 9.02
N MET A 68 -9.07 -11.42 8.16
CA MET A 68 -8.16 -10.34 8.58
C MET A 68 -8.77 -8.94 8.49
N GLY A 69 -8.34 -8.06 9.39
CA GLY A 69 -8.69 -6.66 9.31
C GLY A 69 -10.04 -6.41 9.95
N ASN A 70 -10.56 -5.20 9.75
CA ASN A 70 -11.89 -4.91 10.27
C ASN A 70 -12.68 -4.03 9.34
N VAL A 71 -13.99 -4.20 9.41
CA VAL A 71 -14.85 -3.64 8.37
C VAL A 71 -14.82 -2.12 8.33
N GLY A 72 -14.92 -1.48 9.49
CA GLY A 72 -14.97 -0.03 9.49
C GLY A 72 -13.74 0.60 8.86
N HIS A 73 -12.56 0.04 9.16
CA HIS A 73 -11.34 0.64 8.60
C HIS A 73 -11.22 0.36 7.10
N LYS A 74 -11.63 -0.82 6.66
CA LYS A 74 -11.62 -1.09 5.25
C LYS A 74 -12.61 -0.19 4.49
N ILE A 75 -13.70 0.21 5.14
CA ILE A 75 -14.58 1.19 4.47
C ILE A 75 -13.81 2.48 4.24
N LEU A 76 -13.09 2.95 5.25
CA LEU A 76 -12.34 4.20 5.08
C LEU A 76 -11.26 4.07 4.03
N LYS A 77 -10.62 2.91 3.95
CA LYS A 77 -9.55 2.71 2.96
C LYS A 77 -10.12 2.81 1.54
N HIS A 78 -11.32 2.27 1.32
CA HIS A 78 -11.93 2.32 0.00
C HIS A 78 -12.42 3.74 -0.33
N GLN A 79 -12.91 4.45 0.68
CA GLN A 79 -13.27 5.86 0.50
C GLN A 79 -12.05 6.69 0.10
N LEU A 80 -10.93 6.41 0.75
CA LEU A 80 -9.67 7.05 0.42
C LEU A 80 -9.22 6.75 -1.03
N VAL A 81 -9.32 5.49 -1.43
CA VAL A 81 -8.98 5.12 -2.79
C VAL A 81 -9.86 5.90 -3.75
N ALA A 82 -11.16 5.88 -3.51
CA ALA A 82 -12.06 6.58 -4.42
C ALA A 82 -11.80 8.09 -4.48
N GLU A 83 -11.55 8.73 -3.35
CA GLU A 83 -11.39 10.19 -3.32
C GLU A 83 -10.02 10.66 -3.79
N LYS A 84 -8.98 9.90 -3.47
CA LYS A 84 -7.61 10.42 -3.58
C LYS A 84 -6.63 9.67 -4.50
N THR A 85 -7.11 8.64 -5.21
CA THR A 85 -6.30 8.06 -6.25
C THR A 85 -6.27 9.02 -7.46
N PRO A 86 -5.05 9.35 -7.95
CA PRO A 86 -5.08 10.27 -9.09
C PRO A 86 -5.71 9.67 -10.36
N GLY A 87 -6.42 10.52 -11.10
CA GLY A 87 -6.92 10.18 -12.43
C GLY A 87 -6.12 10.82 -13.57
N THR A 88 -6.82 11.30 -14.60
CA THR A 88 -6.10 11.70 -15.80
C THR A 88 -5.30 12.97 -15.57
N GLU A 89 -5.61 13.72 -14.51
CA GLU A 89 -4.83 14.90 -14.17
C GLU A 89 -3.36 14.56 -13.84
N ASP A 90 -3.10 13.31 -13.56
CA ASP A 90 -1.75 12.85 -13.24
C ASP A 90 -0.92 12.57 -14.49
N ILE A 91 -1.58 12.58 -15.65
CA ILE A 91 -0.89 12.42 -16.93
C ILE A 91 -0.57 13.80 -17.49
N THR A 92 0.71 14.11 -17.54
CA THR A 92 1.18 15.46 -17.79
C THR A 92 2.20 15.46 -18.91
N THR A 93 2.44 16.66 -19.42
CA THR A 93 3.25 16.90 -20.60
C THR A 93 4.30 17.93 -20.29
N THR A 94 5.52 17.75 -20.80
CA THR A 94 6.53 18.82 -20.71
C THR A 94 6.80 19.36 -22.08
N ALA A 95 7.13 20.65 -22.12
CA ALA A 95 7.44 21.32 -23.36
C ALA A 95 8.68 22.20 -23.19
N TRP A 96 9.56 22.12 -24.18
CA TRP A 96 10.73 22.98 -24.30
C TRP A 96 10.69 23.63 -25.68
N SER A 97 10.80 24.95 -25.73
CA SER A 97 10.72 25.61 -27.00
C SER A 97 11.74 26.71 -27.14
N GLY A 98 12.10 26.95 -28.38
CA GLY A 98 13.02 28.02 -28.75
C GLY A 98 13.22 28.10 -30.25
N ASP A 99 14.33 28.70 -30.66
CA ASP A 99 14.56 28.89 -32.07
C ASP A 99 14.62 27.56 -32.83
N ARG A 100 15.05 26.50 -32.16
CA ARG A 100 15.12 25.17 -32.79
C ARG A 100 13.80 24.44 -32.79
N GLY A 101 12.74 25.11 -32.35
CA GLY A 101 11.41 24.53 -32.44
C GLY A 101 10.78 24.17 -31.11
N LEU A 102 10.06 23.06 -31.10
CA LEU A 102 9.27 22.65 -29.94
C LEU A 102 9.55 21.21 -29.66
N THR A 103 9.93 20.87 -28.43
CA THR A 103 10.07 19.48 -28.01
C THR A 103 9.08 19.18 -26.87
N LEU A 104 8.31 18.13 -27.08
CA LEU A 104 7.33 17.65 -26.11
C LEU A 104 7.79 16.35 -25.53
N VAL A 105 7.49 16.14 -24.26
CA VAL A 105 7.68 14.81 -23.65
C VAL A 105 6.31 14.43 -23.10
N GLU A 106 5.82 13.29 -23.59
CA GLU A 106 4.50 12.77 -23.25
C GLU A 106 4.60 11.43 -22.54
N MET A 107 3.52 11.11 -21.84
CA MET A 107 3.37 9.84 -21.15
C MET A 107 2.41 8.96 -21.93
N GLY A 108 2.93 7.95 -22.62
CA GLY A 108 2.10 7.06 -23.41
C GLY A 108 1.82 5.76 -22.68
N PRO A 109 0.83 5.01 -23.15
CA PRO A 109 0.56 3.73 -22.49
C PRO A 109 1.69 2.72 -22.70
N PHE A 110 1.85 1.85 -21.72
CA PHE A 110 2.53 0.58 -21.94
C PHE A 110 1.72 -0.40 -22.78
N GLY A 111 0.44 -0.56 -22.45
CA GLY A 111 -0.42 -1.54 -23.10
C GLY A 111 -1.24 -2.28 -22.06
N VAL A 112 -1.10 -3.60 -22.05
CA VAL A 112 -1.72 -4.43 -21.03
C VAL A 112 -0.72 -4.67 -19.90
N ILE A 113 -1.08 -4.21 -18.70
CA ILE A 113 -0.24 -4.35 -17.53
C ILE A 113 -0.72 -5.53 -16.69
N GLY A 114 0.20 -6.36 -16.26
CA GLY A 114 -0.17 -7.43 -15.34
C GLY A 114 -0.01 -6.92 -13.92
N ALA A 115 -0.80 -7.46 -13.00
CA ALA A 115 -0.73 -6.97 -11.64
C ALA A 115 -0.98 -8.14 -10.71
N ILE A 116 -0.12 -8.22 -9.71
CA ILE A 116 -0.20 -9.24 -8.68
C ILE A 116 -0.54 -8.52 -7.38
N THR A 117 -1.64 -8.92 -6.76
CA THR A 117 -2.22 -8.14 -5.67
C THR A 117 -2.31 -8.96 -4.35
N PRO A 118 -2.44 -8.27 -3.21
CA PRO A 118 -2.28 -8.93 -1.91
C PRO A 118 -3.61 -9.32 -1.31
N CYS A 119 -3.59 -10.01 -0.17
CA CYS A 119 -4.83 -10.34 0.51
C CYS A 119 -5.10 -9.45 1.72
N THR A 120 -4.21 -8.49 1.94
CA THR A 120 -4.34 -7.51 3.02
C THR A 120 -5.23 -6.32 2.60
N ASN A 121 -4.85 -5.69 1.48
CA ASN A 121 -5.67 -4.63 0.85
C ASN A 121 -6.08 -5.05 -0.58
N PRO A 122 -6.83 -6.15 -0.71
CA PRO A 122 -7.06 -6.75 -2.03
C PRO A 122 -7.78 -5.85 -3.04
N SER A 123 -9.00 -5.45 -2.71
CA SER A 123 -9.79 -4.63 -3.60
C SER A 123 -9.26 -3.18 -3.64
N GLU A 124 -8.69 -2.72 -2.53
CA GLU A 124 -8.07 -1.38 -2.54
C GLU A 124 -7.00 -1.33 -3.60
N THR A 125 -6.14 -2.35 -3.63
CA THR A 125 -5.05 -2.37 -4.60
C THR A 125 -5.57 -2.47 -6.04
N ILE A 126 -6.54 -3.34 -6.24
CA ILE A 126 -7.09 -3.55 -7.56
C ILE A 126 -7.73 -2.28 -8.11
N ILE A 127 -8.56 -1.64 -7.30
CA ILE A 127 -9.27 -0.44 -7.75
C ILE A 127 -8.25 0.71 -7.94
N CYS A 128 -7.30 0.86 -7.02
CA CYS A 128 -6.34 1.94 -7.09
C CYS A 128 -5.44 1.78 -8.34
N ASN A 129 -4.96 0.57 -8.56
CA ASN A 129 -4.15 0.25 -9.74
C ASN A 129 -4.96 0.57 -11.01
N THR A 130 -6.22 0.13 -11.04
CA THR A 130 -7.01 0.25 -12.26
C THR A 130 -7.25 1.72 -12.65
N ILE A 131 -7.63 2.54 -11.67
CA ILE A 131 -7.85 3.96 -11.93
C ILE A 131 -6.59 4.55 -12.54
N GLY A 132 -5.45 4.28 -11.91
CA GLY A 132 -4.20 4.83 -12.41
C GLY A 132 -3.85 4.31 -13.80
N MET A 133 -4.01 3.02 -14.00
CA MET A 133 -3.55 2.41 -15.23
C MET A 133 -4.45 2.84 -16.40
N LEU A 134 -5.76 2.90 -16.16
CA LEU A 134 -6.73 3.36 -17.17
C LEU A 134 -6.45 4.80 -17.57
N ALA A 135 -6.12 5.65 -16.59
CA ALA A 135 -5.86 7.05 -16.89
C ALA A 135 -4.76 7.23 -17.92
N GLY A 136 -3.75 6.39 -17.82
CA GLY A 136 -2.65 6.44 -18.77
C GLY A 136 -2.86 5.68 -20.07
N GLY A 137 -4.06 5.15 -20.32
CA GLY A 137 -4.31 4.50 -21.58
C GLY A 137 -4.07 2.99 -21.63
N ASN A 138 -3.81 2.42 -20.46
CA ASN A 138 -3.60 0.98 -20.32
C ASN A 138 -4.89 0.22 -19.92
N THR A 139 -4.83 -1.10 -20.04
CA THR A 139 -5.75 -1.98 -19.33
C THR A 139 -4.91 -2.84 -18.41
N VAL A 140 -5.58 -3.60 -17.55
CA VAL A 140 -4.87 -4.38 -16.54
C VAL A 140 -5.50 -5.76 -16.36
N VAL A 141 -4.62 -6.73 -16.12
CA VAL A 141 -5.01 -8.11 -15.82
C VAL A 141 -4.42 -8.44 -14.47
N PHE A 142 -5.30 -8.88 -13.58
CA PHE A 142 -4.93 -9.30 -12.23
C PHE A 142 -4.77 -10.78 -12.06
N ASN A 143 -3.80 -11.13 -11.23
CA ASN A 143 -3.75 -12.44 -10.63
C ASN A 143 -3.93 -12.26 -9.13
N PRO A 144 -5.19 -12.29 -8.66
CA PRO A 144 -5.41 -11.97 -7.25
C PRO A 144 -4.76 -12.94 -6.27
N HIS A 145 -4.54 -12.48 -5.05
CA HIS A 145 -4.09 -13.38 -3.99
C HIS A 145 -5.09 -14.53 -3.77
N PRO A 146 -4.59 -15.77 -3.66
CA PRO A 146 -5.51 -16.90 -3.52
C PRO A 146 -6.38 -16.89 -2.23
N ALA A 147 -6.00 -16.07 -1.25
CA ALA A 147 -6.75 -15.99 0.01
C ALA A 147 -7.87 -14.95 -0.06
N ALA A 148 -7.88 -14.17 -1.13
CA ALA A 148 -8.81 -13.06 -1.26
C ALA A 148 -9.39 -13.01 -2.67
N ILE A 149 -9.64 -14.19 -3.24
CA ILE A 149 -10.08 -14.30 -4.63
C ILE A 149 -11.48 -13.71 -4.82
N LYS A 150 -12.43 -14.07 -3.96
CA LYS A 150 -13.79 -13.59 -4.17
C LYS A 150 -13.88 -12.08 -4.01
N THR A 151 -13.21 -11.55 -2.99
CA THR A 151 -13.19 -10.10 -2.78
C THR A 151 -12.57 -9.39 -3.97
N SER A 152 -11.42 -9.90 -4.42
CA SER A 152 -10.69 -9.31 -5.55
C SER A 152 -11.53 -9.31 -6.84
N ASN A 153 -12.13 -10.45 -7.16
CA ASN A 153 -12.93 -10.55 -8.39
C ASN A 153 -14.21 -9.76 -8.31
N PHE A 154 -14.77 -9.58 -7.11
CA PHE A 154 -15.91 -8.69 -6.94
C PHE A 154 -15.54 -7.28 -7.36
N ALA A 155 -14.36 -6.85 -6.91
CA ALA A 155 -13.86 -5.53 -7.28
C ALA A 155 -13.66 -5.39 -8.80
N VAL A 156 -13.07 -6.39 -9.43
CA VAL A 156 -12.99 -6.43 -10.89
C VAL A 156 -14.37 -6.31 -11.55
N GLN A 157 -15.34 -7.07 -11.06
CA GLN A 157 -16.69 -7.01 -11.61
C GLN A 157 -17.28 -5.60 -11.46
N LEU A 158 -17.09 -4.99 -10.30
CA LEU A 158 -17.56 -3.62 -10.05
C LEU A 158 -16.95 -2.65 -11.06
N ILE A 159 -15.66 -2.78 -11.29
CA ILE A 159 -14.95 -1.94 -12.22
C ILE A 159 -15.56 -2.05 -13.61
N ASN A 160 -15.81 -3.27 -14.05
CA ASN A 160 -16.42 -3.47 -15.36
C ASN A 160 -17.88 -2.96 -15.42
N GLU A 161 -18.63 -3.09 -14.32
CA GLU A 161 -19.98 -2.51 -14.28
C GLU A 161 -19.91 -0.98 -14.43
N ALA A 162 -18.94 -0.37 -13.75
CA ALA A 162 -18.74 1.07 -13.85
C ALA A 162 -18.45 1.46 -15.28
N SER A 163 -17.57 0.71 -15.95
CA SER A 163 -17.24 1.02 -17.34
C SER A 163 -18.46 0.85 -18.26
N LEU A 164 -19.20 -0.23 -18.10
CA LEU A 164 -20.45 -0.41 -18.82
C LEU A 164 -21.40 0.75 -18.60
N SER A 165 -21.48 1.26 -17.37
CA SER A 165 -22.46 2.30 -17.07
C SER A 165 -22.08 3.58 -17.78
N ALA A 166 -20.79 3.71 -18.10
CA ALA A 166 -20.26 4.88 -18.78
C ALA A 166 -20.05 4.62 -20.30
N GLY A 167 -20.64 3.53 -20.81
CA GLY A 167 -20.60 3.23 -22.23
C GLY A 167 -19.51 2.27 -22.73
N GLY A 168 -18.73 1.68 -21.82
CA GLY A 168 -17.75 0.69 -22.20
C GLY A 168 -16.39 1.30 -22.43
N PRO A 169 -15.39 0.47 -22.75
CA PRO A 169 -15.60 -0.94 -23.06
C PRO A 169 -15.60 -1.82 -21.83
N VAL A 170 -16.10 -3.02 -22.02
CA VAL A 170 -15.90 -4.07 -21.05
C VAL A 170 -14.43 -4.52 -21.10
N ASN A 171 -13.96 -5.12 -20.01
CA ASN A 171 -12.64 -5.77 -19.89
C ASN A 171 -11.45 -4.80 -19.80
N ILE A 172 -11.70 -3.60 -19.28
CA ILE A 172 -10.63 -2.67 -18.98
C ILE A 172 -9.78 -3.22 -17.83
N ALA A 173 -10.42 -4.02 -16.99
CA ALA A 173 -9.74 -4.78 -15.95
C ALA A 173 -10.19 -6.22 -16.05
N CYS A 174 -9.24 -7.15 -16.07
CA CYS A 174 -9.59 -8.56 -16.17
C CYS A 174 -8.94 -9.37 -15.05
N SER A 175 -9.52 -10.52 -14.77
CA SER A 175 -8.95 -11.41 -13.78
C SER A 175 -9.29 -12.84 -14.14
N VAL A 176 -8.87 -13.77 -13.28
CA VAL A 176 -9.22 -15.18 -13.46
C VAL A 176 -9.95 -15.74 -12.25
N ARG A 177 -10.82 -16.74 -12.49
CA ARG A 177 -11.65 -17.33 -11.44
C ARG A 177 -10.83 -18.03 -10.36
N LYS A 178 -9.76 -18.69 -10.76
CA LYS A 178 -8.96 -19.50 -9.85
C LYS A 178 -7.50 -19.15 -10.05
N PRO A 179 -7.07 -18.04 -9.45
CA PRO A 179 -5.67 -17.65 -9.57
C PRO A 179 -4.76 -18.61 -8.83
N THR A 180 -3.61 -18.88 -9.43
CA THR A 180 -2.64 -19.84 -8.91
C THR A 180 -1.24 -19.32 -9.17
N LEU A 181 -0.26 -20.01 -8.60
CA LEU A 181 1.12 -19.76 -8.97
C LEU A 181 1.27 -19.98 -10.47
N ASP A 182 0.71 -21.07 -10.99
CA ASP A 182 0.75 -21.34 -12.43
C ASP A 182 0.18 -20.21 -13.30
N SER A 183 -0.96 -19.65 -12.94
CA SER A 183 -1.55 -18.58 -13.76
C SER A 183 -0.73 -17.30 -13.63
N SER A 184 -0.12 -17.10 -12.47
CA SER A 184 0.77 -15.94 -12.31
C SER A 184 1.98 -16.10 -13.23
N LYS A 185 2.41 -17.34 -13.44
CA LYS A 185 3.55 -17.58 -14.31
C LYS A 185 3.18 -17.39 -15.79
N ILE A 186 1.96 -17.75 -16.19
CA ILE A 186 1.52 -17.42 -17.55
C ILE A 186 1.57 -15.90 -17.79
N MET A 187 1.12 -15.12 -16.81
CA MET A 187 1.15 -13.67 -16.93
C MET A 187 2.58 -13.17 -17.05
N MET A 188 3.45 -13.69 -16.18
CA MET A 188 4.82 -13.20 -16.12
C MET A 188 5.59 -13.48 -17.38
N SER A 189 5.21 -14.52 -18.11
CA SER A 189 5.98 -14.92 -19.30
C SER A 189 5.22 -14.56 -20.59
N HIS A 190 4.07 -13.86 -20.44
CA HIS A 190 3.24 -13.56 -21.60
C HIS A 190 3.84 -12.41 -22.38
N GLN A 191 4.01 -12.58 -23.68
CA GLN A 191 4.71 -11.57 -24.46
C GLN A 191 3.85 -10.34 -24.76
N ASP A 192 2.58 -10.37 -24.41
CA ASP A 192 1.72 -9.20 -24.62
C ASP A 192 1.63 -8.37 -23.37
N ILE A 193 2.42 -8.71 -22.35
CA ILE A 193 2.43 -7.93 -21.11
C ILE A 193 3.84 -7.31 -20.94
N PRO A 194 3.99 -6.01 -21.22
CA PRO A 194 5.34 -5.45 -21.10
C PRO A 194 5.72 -4.94 -19.70
N LEU A 195 4.77 -4.93 -18.78
CA LEU A 195 5.00 -4.38 -17.44
C LEU A 195 4.14 -5.13 -16.43
N ILE A 196 4.72 -5.43 -15.27
CA ILE A 196 3.96 -6.05 -14.20
C ILE A 196 4.13 -5.20 -12.96
N ALA A 197 3.00 -4.89 -12.34
CA ALA A 197 2.98 -4.22 -11.03
C ALA A 197 2.77 -5.27 -9.94
N ALA A 198 3.76 -5.42 -9.08
CA ALA A 198 3.73 -6.50 -8.12
C ALA A 198 3.59 -5.93 -6.72
N THR A 199 2.39 -6.11 -6.15
CA THR A 199 2.11 -5.68 -4.81
C THR A 199 1.98 -6.90 -3.90
N GLY A 200 3.01 -7.17 -3.11
CA GLY A 200 3.05 -8.39 -2.32
C GLY A 200 4.34 -8.55 -1.53
N GLY A 201 4.75 -9.81 -1.34
CA GLY A 201 5.95 -10.13 -0.60
C GLY A 201 7.14 -10.41 -1.51
N PRO A 202 8.35 -10.45 -0.95
CA PRO A 202 9.60 -10.67 -1.70
C PRO A 202 9.51 -11.85 -2.65
N GLY A 203 8.63 -12.81 -2.35
CA GLY A 203 8.48 -13.99 -3.17
C GLY A 203 8.00 -13.64 -4.57
N VAL A 204 6.80 -13.09 -4.65
CA VAL A 204 6.22 -12.72 -5.93
C VAL A 204 7.07 -11.65 -6.66
N VAL A 205 7.60 -10.70 -5.91
CA VAL A 205 8.31 -9.56 -6.50
C VAL A 205 9.62 -9.98 -7.14
N THR A 206 10.37 -10.84 -6.49
CA THR A 206 11.61 -11.30 -7.09
C THR A 206 11.29 -12.06 -8.37
N ALA A 207 10.23 -12.86 -8.34
CA ALA A 207 9.84 -13.63 -9.53
C ALA A 207 9.53 -12.68 -10.68
N VAL A 208 8.87 -11.58 -10.35
CA VAL A 208 8.53 -10.60 -11.35
C VAL A 208 9.79 -9.95 -11.88
N LEU A 209 10.73 -9.65 -11.00
CA LEU A 209 12.00 -9.04 -11.45
C LEU A 209 12.95 -10.02 -12.09
N GLN A 210 12.52 -11.28 -12.19
CA GLN A 210 13.25 -12.29 -12.97
C GLN A 210 12.52 -12.63 -14.26
N SER A 211 11.48 -11.88 -14.58
CA SER A 211 10.61 -12.27 -15.70
C SER A 211 11.03 -11.79 -17.10
N GLY A 212 12.05 -10.93 -17.18
CA GLY A 212 12.42 -10.36 -18.47
C GLY A 212 11.53 -9.20 -18.88
N LYS A 213 10.63 -8.80 -17.98
CA LYS A 213 9.75 -7.65 -18.15
C LYS A 213 10.18 -6.58 -17.15
N ARG A 214 9.87 -5.33 -17.43
CA ARG A 214 9.91 -4.39 -16.33
C ARG A 214 8.91 -4.74 -15.22
N GLY A 215 9.39 -4.72 -13.98
CA GLY A 215 8.54 -4.97 -12.84
C GLY A 215 8.58 -3.78 -11.91
N ILE A 216 7.41 -3.32 -11.48
CA ILE A 216 7.32 -2.29 -10.46
C ILE A 216 6.98 -3.07 -9.20
N GLY A 217 7.87 -2.99 -8.23
CA GLY A 217 7.93 -3.93 -7.12
C GLY A 217 7.74 -3.29 -5.78
N ALA A 218 6.66 -3.66 -5.12
CA ALA A 218 6.49 -3.31 -3.73
C ALA A 218 7.44 -4.19 -2.96
N GLY A 219 7.80 -3.77 -1.77
CA GLY A 219 8.54 -4.64 -0.88
C GLY A 219 7.91 -4.67 0.50
N ALA A 220 8.61 -5.33 1.40
CA ALA A 220 8.20 -5.43 2.79
C ALA A 220 8.63 -4.18 3.55
N GLY A 221 8.14 -4.04 4.77
CA GLY A 221 8.60 -2.98 5.63
C GLY A 221 8.61 -3.49 7.05
N ASN A 222 8.98 -2.62 7.96
CA ASN A 222 8.84 -2.85 9.39
C ASN A 222 8.94 -1.50 10.06
N PRO A 223 7.91 -0.67 9.87
CA PRO A 223 8.12 0.78 10.07
C PRO A 223 8.30 1.17 11.52
N PRO A 224 9.47 1.74 11.86
CA PRO A 224 9.63 2.26 13.23
C PRO A 224 9.02 3.64 13.37
N VAL A 225 8.53 3.96 14.56
CA VAL A 225 8.16 5.32 14.87
C VAL A 225 9.00 5.80 16.03
N LEU A 226 9.79 6.83 15.77
CA LEU A 226 10.71 7.39 16.76
C LEU A 226 10.04 8.57 17.45
N VAL A 227 10.01 8.56 18.77
CA VAL A 227 9.46 9.68 19.53
C VAL A 227 10.58 10.27 20.37
N ASP A 228 10.85 11.55 20.18
CA ASP A 228 11.89 12.20 20.96
C ASP A 228 11.27 13.12 22.00
N GLU A 229 12.11 13.73 22.81
CA GLU A 229 11.66 14.41 24.00
C GLU A 229 11.05 15.79 23.71
N THR A 230 11.12 16.21 22.45
CA THR A 230 10.52 17.47 22.03
C THR A 230 9.10 17.28 21.52
N ALA A 231 8.69 16.02 21.35
CA ALA A 231 7.38 15.72 20.79
C ALA A 231 6.23 16.09 21.70
N ASP A 232 5.06 16.26 21.09
CA ASP A 232 3.80 16.35 21.81
C ASP A 232 3.47 14.89 22.17
N ILE A 233 3.69 14.52 23.42
CA ILE A 233 3.71 13.10 23.77
C ILE A 233 2.27 12.57 23.83
N ARG A 234 1.35 13.37 24.35
CA ARG A 234 -0.06 12.94 24.39
C ARG A 234 -0.59 12.66 22.99
N LYS A 235 -0.32 13.57 22.07
CA LYS A 235 -0.74 13.38 20.69
C LYS A 235 0.05 12.26 20.02
N ALA A 236 1.33 12.09 20.37
CA ALA A 236 2.09 11.02 19.73
C ALA A 236 1.49 9.66 20.11
N ALA A 237 1.02 9.53 21.34
CA ALA A 237 0.41 8.27 21.78
C ALA A 237 -0.83 7.98 20.93
N GLU A 238 -1.68 8.99 20.77
CA GLU A 238 -2.90 8.87 19.99
C GLU A 238 -2.59 8.53 18.55
N ASP A 239 -1.70 9.29 17.93
CA ASP A 239 -1.37 9.09 16.52
C ASP A 239 -0.78 7.69 16.27
N ILE A 240 0.13 7.28 17.15
CA ILE A 240 0.82 6.02 16.95
C ILE A 240 -0.14 4.84 17.11
N ILE A 241 -0.99 4.84 18.12
CA ILE A 241 -1.91 3.71 18.26
C ILE A 241 -2.97 3.75 17.16
N ASN A 242 -3.44 4.94 16.79
CA ASN A 242 -4.36 5.01 15.64
C ASN A 242 -3.73 4.43 14.36
N GLY A 243 -2.48 4.77 14.10
CA GLY A 243 -1.80 4.28 12.90
C GLY A 243 -1.48 2.80 12.94
N CYS A 244 -1.02 2.34 14.09
CA CYS A 244 -0.66 0.95 14.25
C CYS A 244 -1.88 0.05 14.06
N THR A 245 -2.97 0.44 14.69
CA THR A 245 -4.13 -0.47 14.79
C THR A 245 -5.09 -0.33 13.58
N PHE A 246 -4.76 0.55 12.66
CA PHE A 246 -5.60 0.78 11.49
C PHE A 246 -5.64 -0.49 10.64
N ASP A 247 -6.85 -1.00 10.41
CA ASP A 247 -7.10 -2.30 9.77
C ASP A 247 -6.22 -3.39 10.37
N ASN A 248 -6.11 -3.32 11.70
CA ASN A 248 -5.47 -4.34 12.52
C ASN A 248 -4.00 -4.53 12.13
N ASN A 249 -3.36 -3.45 11.70
CA ASN A 249 -1.94 -3.39 11.35
C ASN A 249 -1.62 -4.03 10.00
N LEU A 250 -2.62 -4.32 9.18
CA LEU A 250 -2.36 -4.90 7.86
C LEU A 250 -1.55 -4.03 6.89
N PRO A 251 -1.76 -2.70 6.84
CA PRO A 251 -1.02 -1.91 5.85
C PRO A 251 0.48 -1.95 6.02
N ALA A 252 1.21 -2.03 4.90
CA ALA A 252 2.67 -2.00 4.93
C ALA A 252 3.23 -0.75 5.58
N ILE A 253 2.53 0.38 5.47
CA ILE A 253 2.99 1.63 6.04
C ILE A 253 2.83 1.76 7.55
N ALA A 254 2.01 0.91 8.16
CA ALA A 254 1.63 1.12 9.57
C ALA A 254 2.82 0.98 10.50
N GLU A 255 2.83 1.85 11.52
CA GLU A 255 3.71 1.70 12.66
C GLU A 255 3.73 0.26 13.19
N LYS A 256 4.92 -0.33 13.39
CA LYS A 256 5.00 -1.70 13.90
C LYS A 256 6.00 -1.85 15.06
N GLU A 257 6.71 -0.77 15.38
CA GLU A 257 7.43 -0.71 16.65
C GLU A 257 7.76 0.75 16.98
N VAL A 258 8.00 1.01 18.26
CA VAL A 258 8.34 2.36 18.74
C VAL A 258 9.76 2.42 19.25
N VAL A 259 10.48 3.49 18.91
CA VAL A 259 11.75 3.80 19.55
C VAL A 259 11.54 5.11 20.28
N ALA A 260 11.64 5.09 21.60
CA ALA A 260 11.29 6.25 22.42
C ALA A 260 12.45 6.71 23.28
N ILE A 261 12.72 8.01 23.22
CA ILE A 261 13.73 8.61 24.10
C ILE A 261 13.37 8.35 25.55
N ASP A 262 14.37 7.93 26.32
CA ASP A 262 14.16 7.49 27.70
C ASP A 262 13.28 8.44 28.49
N ALA A 263 13.60 9.72 28.38
CA ALA A 263 12.96 10.72 29.22
C ALA A 263 11.45 10.83 29.04
N ILE A 264 10.91 10.43 27.88
CA ILE A 264 9.46 10.50 27.65
C ILE A 264 8.79 9.13 27.48
N ALA A 265 9.55 8.05 27.59
CA ALA A 265 9.02 6.73 27.29
C ALA A 265 7.87 6.34 28.23
N ASN A 266 8.04 6.59 29.52
CA ASN A 266 7.02 6.25 30.52
C ASN A 266 5.75 7.05 30.30
N GLU A 267 5.89 8.35 30.07
CA GLU A 267 4.76 9.22 29.77
C GLU A 267 4.02 8.72 28.55
N LEU A 268 4.79 8.38 27.51
CA LEU A 268 4.20 7.90 26.28
C LEU A 268 3.40 6.62 26.52
N MET A 269 4.01 5.61 27.14
CA MET A 269 3.30 4.35 27.38
C MET A 269 2.12 4.53 28.35
N ASN A 270 2.26 5.43 29.32
CA ASN A 270 1.17 5.69 30.23
C ASN A 270 -0.06 6.20 29.47
N TYR A 271 0.16 7.15 28.58
CA TYR A 271 -0.90 7.68 27.73
C TYR A 271 -1.51 6.57 26.90
N MET A 272 -0.66 5.70 26.35
CA MET A 272 -1.15 4.63 25.51
C MET A 272 -2.10 3.72 26.28
N VAL A 273 -1.79 3.43 27.53
CA VAL A 273 -2.62 2.55 28.33
C VAL A 273 -3.86 3.30 28.81
N LYS A 274 -3.68 4.55 29.20
CA LYS A 274 -4.71 5.26 29.94
C LYS A 274 -5.75 5.83 28.99
N GLU A 275 -5.33 6.21 27.79
CA GLU A 275 -6.18 6.93 26.83
C GLU A 275 -6.35 6.24 25.47
N GLN A 276 -5.48 5.29 25.11
CA GLN A 276 -5.52 4.75 23.74
C GLN A 276 -5.87 3.26 23.66
N GLY A 277 -6.31 2.68 24.76
CA GLY A 277 -6.80 1.32 24.74
C GLY A 277 -5.69 0.30 24.59
N CYS A 278 -4.52 0.59 25.13
CA CYS A 278 -3.43 -0.37 25.08
C CYS A 278 -3.39 -1.19 26.35
N TYR A 279 -3.01 -2.46 26.17
CA TYR A 279 -2.86 -3.41 27.25
C TYR A 279 -1.40 -3.84 27.29
N ALA A 280 -0.76 -3.61 28.42
CA ALA A 280 0.63 -3.99 28.58
C ALA A 280 0.77 -5.45 29.03
N ILE A 281 1.57 -6.22 28.28
CA ILE A 281 1.77 -7.63 28.61
C ILE A 281 3.09 -7.84 29.35
N THR A 282 3.07 -8.74 30.33
CA THR A 282 4.29 -9.12 31.05
C THR A 282 5.25 -9.93 30.20
N LYS A 283 6.48 -10.12 30.69
CA LYS A 283 7.44 -11.00 30.02
C LYS A 283 6.85 -12.39 29.74
N GLU A 284 6.20 -12.99 30.74
CA GLU A 284 5.63 -14.32 30.56
C GLU A 284 4.56 -14.33 29.45
N GLN A 285 3.71 -13.31 29.46
CA GLN A 285 2.70 -13.15 28.41
C GLN A 285 3.35 -12.89 27.05
N GLN A 286 4.45 -12.13 27.02
CA GLN A 286 5.19 -11.90 25.77
C GLN A 286 5.68 -13.21 25.21
N GLU A 287 6.19 -14.06 26.10
CA GLU A 287 6.69 -15.37 25.70
C GLU A 287 5.60 -16.23 25.08
N LYS A 288 4.42 -16.25 25.72
CA LYS A 288 3.30 -17.03 25.20
C LYS A 288 2.83 -16.48 23.83
N LEU A 289 2.79 -15.16 23.72
CA LEU A 289 2.31 -14.54 22.49
C LEU A 289 3.28 -14.79 21.34
N THR A 290 4.58 -14.74 21.65
CA THR A 290 5.62 -15.06 20.68
C THR A 290 5.49 -16.48 20.15
N ASN A 291 5.21 -17.43 21.03
CA ASN A 291 5.13 -18.83 20.63
C ASN A 291 3.91 -19.04 19.76
N LEU A 292 2.87 -18.29 20.04
CA LEU A 292 1.65 -18.32 19.24
C LEU A 292 1.90 -17.75 17.84
N VAL A 293 2.41 -16.51 17.75
CA VAL A 293 2.37 -15.81 16.47
C VAL A 293 3.57 -16.05 15.56
N ILE A 294 4.69 -16.51 16.12
CA ILE A 294 5.81 -16.96 15.28
C ILE A 294 5.97 -18.48 15.38
N THR A 295 5.95 -19.13 14.20
CA THR A 295 5.88 -20.60 14.10
C THR A 295 6.97 -21.15 13.18
N PRO A 296 7.18 -22.48 13.23
CA PRO A 296 8.16 -23.13 12.34
C PRO A 296 7.91 -22.82 10.88
N LYS A 297 6.68 -22.44 10.56
CA LYS A 297 6.29 -22.12 9.19
C LYS A 297 6.32 -20.62 8.98
N GLY A 298 6.72 -19.89 10.03
CA GLY A 298 6.82 -18.45 9.95
C GLY A 298 5.69 -17.79 10.69
N LEU A 299 5.28 -16.64 10.19
CA LEU A 299 4.17 -15.90 10.77
C LEU A 299 2.94 -16.79 10.81
N ASN A 300 2.23 -16.76 11.92
CA ASN A 300 1.02 -17.56 12.05
C ASN A 300 -0.13 -16.91 11.26
N ARG A 301 -0.56 -17.54 10.18
CA ARG A 301 -1.58 -16.96 9.31
C ARG A 301 -2.90 -16.77 10.03
N ASN A 302 -3.10 -17.53 11.10
CA ASN A 302 -4.33 -17.45 11.90
C ASN A 302 -4.35 -16.27 12.86
N CYS A 303 -3.24 -15.54 12.89
CA CYS A 303 -3.08 -14.40 13.78
C CYS A 303 -2.96 -13.08 13.05
N VAL A 304 -2.44 -13.13 11.82
CA VAL A 304 -2.22 -11.90 11.05
C VAL A 304 -3.54 -11.14 10.88
N GLY A 305 -3.51 -9.85 11.19
CA GLY A 305 -4.66 -8.98 10.99
C GLY A 305 -5.80 -9.22 11.98
N LYS A 306 -5.52 -9.92 13.08
CA LYS A 306 -6.54 -10.10 14.14
C LYS A 306 -6.51 -8.93 15.12
N ASP A 307 -7.64 -8.59 15.74
CA ASP A 307 -7.58 -7.49 16.68
C ASP A 307 -6.92 -7.91 18.00
N ALA A 308 -6.58 -6.93 18.81
CA ALA A 308 -5.80 -7.16 20.02
C ALA A 308 -6.55 -8.01 21.04
N ARG A 309 -7.86 -7.78 21.14
CA ARG A 309 -8.67 -8.55 22.10
C ARG A 309 -8.68 -10.03 21.72
N THR A 310 -8.72 -10.30 20.42
CA THR A 310 -8.69 -11.67 19.93
C THR A 310 -7.34 -12.35 20.21
N LEU A 311 -6.25 -11.67 19.91
CA LEU A 311 -4.92 -12.22 20.13
C LEU A 311 -4.67 -12.51 21.59
N LEU A 312 -5.10 -11.60 22.46
CA LEU A 312 -4.98 -11.81 23.90
C LEU A 312 -5.82 -13.00 24.33
N GLY A 313 -7.02 -13.10 23.78
CA GLY A 313 -7.90 -14.23 24.09
C GLY A 313 -7.26 -15.54 23.71
N MET A 314 -6.60 -15.54 22.56
CA MET A 314 -5.96 -16.75 22.06
C MET A 314 -4.90 -17.28 23.02
N ILE A 315 -4.37 -16.43 23.88
CA ILE A 315 -3.42 -16.93 24.88
C ILE A 315 -4.04 -16.84 26.28
N GLY A 316 -5.37 -16.77 26.36
CA GLY A 316 -6.09 -16.94 27.61
C GLY A 316 -6.13 -15.70 28.49
N ILE A 317 -6.01 -14.54 27.85
CA ILE A 317 -6.07 -13.26 28.54
C ILE A 317 -7.35 -12.58 28.09
N ASP A 318 -8.26 -12.33 29.03
CA ASP A 318 -9.53 -11.65 28.72
C ASP A 318 -9.53 -10.25 29.31
N ASN A 322 -12.86 -2.89 24.56
CA ASN A 322 -12.09 -1.70 25.00
C ASN A 322 -10.60 -1.64 24.55
N ILE A 323 -9.92 -2.76 24.69
CA ILE A 323 -8.52 -2.86 24.36
C ILE A 323 -8.33 -3.07 22.85
N ARG A 324 -7.46 -2.28 22.25
CA ARG A 324 -7.26 -2.35 20.81
C ARG A 324 -5.81 -2.55 20.42
N CYS A 325 -4.90 -2.52 21.38
CA CYS A 325 -3.49 -2.73 21.06
C CYS A 325 -2.74 -3.37 22.22
N ILE A 326 -1.79 -4.23 21.87
CA ILE A 326 -0.91 -4.90 22.81
C ILE A 326 0.42 -4.16 22.81
N ILE A 327 0.89 -3.74 23.98
CA ILE A 327 2.21 -3.09 24.07
C ILE A 327 3.07 -3.68 25.19
N PHE A 328 4.36 -3.43 25.08
CA PHE A 328 5.32 -3.79 26.11
C PHE A 328 6.65 -3.13 25.76
N GLU A 329 7.52 -3.01 26.76
CA GLU A 329 8.84 -2.48 26.54
C GLU A 329 9.80 -3.64 26.32
N GLY A 330 10.67 -3.52 25.33
CA GLY A 330 11.61 -4.58 25.03
C GLY A 330 12.80 -4.11 24.22
N GLU A 331 13.73 -5.03 23.98
CA GLU A 331 14.91 -4.77 23.13
C GLU A 331 14.55 -4.88 21.68
N LYS A 332 15.31 -4.21 20.81
CA LYS A 332 14.98 -4.18 19.38
C LYS A 332 14.98 -5.59 18.78
N GLU A 333 15.79 -6.48 19.34
CA GLU A 333 15.90 -7.83 18.78
C GLU A 333 14.75 -8.74 19.18
N HIS A 334 13.93 -8.29 20.14
CA HIS A 334 12.76 -9.08 20.55
C HIS A 334 11.94 -9.45 19.30
N PRO A 335 11.56 -10.73 19.14
CA PRO A 335 10.93 -11.14 17.88
C PRO A 335 9.61 -10.41 17.56
N LEU A 336 8.83 -10.03 18.57
CA LEU A 336 7.62 -9.23 18.31
C LEU A 336 7.90 -7.76 17.97
N ILE A 337 9.17 -7.34 18.09
CA ILE A 337 9.59 -6.00 17.71
C ILE A 337 10.37 -6.00 16.38
N SER A 338 11.26 -6.98 16.20
CA SER A 338 12.12 -6.97 15.00
C SER A 338 11.38 -7.46 13.76
N GLU A 339 10.36 -8.28 13.97
CA GLU A 339 9.62 -8.88 12.86
C GLU A 339 8.33 -8.13 12.54
N GLU A 340 8.10 -7.95 11.25
CA GLU A 340 6.87 -7.38 10.73
C GLU A 340 5.73 -8.38 10.92
N LEU A 341 4.79 -8.11 11.83
CA LEU A 341 3.73 -9.06 12.16
C LEU A 341 2.40 -8.80 11.46
N MET A 342 2.15 -7.54 11.08
CA MET A 342 0.82 -7.13 10.65
C MET A 342 -0.21 -7.58 11.71
N MET A 343 0.11 -7.24 12.96
CA MET A 343 -0.77 -7.43 14.11
C MET A 343 -0.68 -6.21 15.02
N PRO A 344 -1.75 -5.91 15.77
CA PRO A 344 -1.67 -4.75 16.68
C PRO A 344 -0.90 -5.09 17.95
N ILE A 345 0.38 -5.36 17.73
CA ILE A 345 1.35 -5.70 18.77
C ILE A 345 2.47 -4.71 18.59
N LEU A 346 2.73 -3.91 19.62
CA LEU A 346 3.65 -2.77 19.46
C LEU A 346 4.59 -2.69 20.64
N GLY A 347 5.84 -3.06 20.41
CA GLY A 347 6.89 -2.94 21.41
C GLY A 347 7.46 -1.54 21.42
N ILE A 348 7.88 -1.12 22.61
CA ILE A 348 8.54 0.16 22.80
C ILE A 348 9.99 -0.10 23.16
N VAL A 349 10.88 0.42 22.33
CA VAL A 349 12.32 0.28 22.53
C VAL A 349 12.84 1.59 23.09
N ARG A 350 13.46 1.52 24.26
CA ARG A 350 13.95 2.71 24.95
C ARG A 350 15.34 3.09 24.44
N ALA A 351 15.54 4.39 24.14
CA ALA A 351 16.80 4.93 23.60
C ALA A 351 17.42 5.95 24.52
N LYS A 352 18.75 5.92 24.65
CA LYS A 352 19.52 6.75 25.57
C LYS A 352 19.63 8.18 25.09
N SER A 353 19.59 8.35 23.77
CA SER A 353 19.96 9.60 23.11
C SER A 353 19.34 9.60 21.74
N PHE A 354 19.33 10.74 21.07
CA PHE A 354 18.75 10.75 19.74
C PHE A 354 19.53 9.89 18.79
N ASP A 355 20.85 9.99 18.79
CA ASP A 355 21.62 9.22 17.84
C ASP A 355 21.44 7.71 18.13
N ASP A 356 21.31 7.34 19.42
CA ASP A 356 20.98 5.95 19.76
C ASP A 356 19.65 5.57 19.13
N ALA A 357 18.65 6.44 19.27
CA ALA A 357 17.32 6.15 18.74
C ALA A 357 17.34 5.96 17.22
N VAL A 358 18.09 6.82 16.52
CA VAL A 358 18.18 6.72 15.06
C VAL A 358 18.82 5.40 14.68
N GLU A 359 19.90 5.03 15.36
CA GLU A 359 20.56 3.75 15.10
C GLU A 359 19.60 2.57 15.28
N LYS A 360 18.85 2.56 16.38
CA LYS A 360 17.87 1.49 16.63
C LYS A 360 16.78 1.44 15.55
N ALA A 361 16.22 2.59 15.20
CA ALA A 361 15.19 2.66 14.17
C ALA A 361 15.73 2.17 12.83
N VAL A 362 16.97 2.52 12.49
CA VAL A 362 17.53 2.09 11.22
C VAL A 362 17.66 0.57 11.19
N TRP A 363 18.13 -0.03 12.30
CA TRP A 363 18.23 -1.48 12.32
C TRP A 363 16.84 -2.06 12.14
N LEU A 364 15.89 -1.52 12.87
CA LEU A 364 14.55 -2.08 12.88
C LEU A 364 13.88 -2.01 11.52
N GLU A 365 14.26 -1.03 10.70
CA GLU A 365 13.63 -0.92 9.36
C GLU A 365 14.17 -1.99 8.39
N HIS A 366 15.31 -2.56 8.77
CA HIS A 366 15.92 -3.67 8.05
C HIS A 366 16.26 -3.39 6.59
N GLY A 367 16.63 -2.16 6.25
CA GLY A 367 17.08 -1.89 4.91
C GLY A 367 15.97 -2.02 3.87
N ASN A 368 14.72 -2.10 4.32
CA ASN A 368 13.60 -2.16 3.40
C ASN A 368 13.38 -0.83 2.63
N ARG A 369 13.81 0.28 3.23
CA ARG A 369 13.60 1.62 2.67
C ARG A 369 12.13 1.82 2.29
N HIS A 370 11.25 1.31 3.14
CA HIS A 370 9.80 1.36 2.90
C HIS A 370 9.22 2.57 3.62
N SER A 371 8.92 2.41 4.91
CA SER A 371 8.29 3.48 5.71
C SER A 371 8.93 3.66 7.07
N ALA A 372 8.93 4.90 7.53
CA ALA A 372 9.37 5.20 8.89
C ALA A 372 8.69 6.48 9.35
N HIS A 373 8.63 6.69 10.66
CA HIS A 373 7.80 7.75 11.23
C HIS A 373 8.52 8.41 12.38
N ILE A 374 8.20 9.67 12.64
CA ILE A 374 8.82 10.35 13.78
C ILE A 374 7.88 11.37 14.37
N HIS A 375 7.94 11.46 15.69
CA HIS A 375 7.28 12.54 16.43
C HIS A 375 8.39 13.35 17.09
N SER A 376 8.51 14.59 16.62
CA SER A 376 9.56 15.52 17.04
C SER A 376 9.16 16.88 16.51
N LYS A 377 9.43 17.93 17.26
CA LYS A 377 9.17 19.27 16.76
C LYS A 377 10.45 19.95 16.29
N ASN A 378 11.57 19.22 16.33
CA ASN A 378 12.88 19.81 16.05
C ASN A 378 13.33 19.57 14.61
N VAL A 379 13.55 20.64 13.85
CA VAL A 379 13.85 20.52 12.42
C VAL A 379 15.15 19.77 12.18
N ASP A 380 16.15 19.97 13.03
CA ASP A 380 17.43 19.27 12.85
C ASP A 380 17.31 17.79 13.11
N ARG A 381 16.59 17.43 14.16
CA ARG A 381 16.33 16.03 14.51
C ARG A 381 15.59 15.32 13.37
N ILE A 382 14.57 15.99 12.87
CA ILE A 382 13.77 15.43 11.80
C ILE A 382 14.66 15.15 10.58
N THR A 383 15.50 16.11 10.25
CA THR A 383 16.40 16.02 9.10
C THR A 383 17.37 14.87 9.26
N THR A 384 18.00 14.80 10.43
CA THR A 384 18.95 13.72 10.71
C THR A 384 18.33 12.35 10.48
N TYR A 385 17.13 12.20 11.03
CA TYR A 385 16.42 10.93 10.94
C TYR A 385 16.02 10.61 9.50
N ALA A 386 15.48 11.61 8.82
CA ALA A 386 15.07 11.43 7.43
C ALA A 386 16.23 11.00 6.54
N LYS A 387 17.37 11.65 6.70
CA LYS A 387 18.54 11.29 5.91
C LYS A 387 19.03 9.90 6.22
N ALA A 388 19.11 9.55 7.50
CA ALA A 388 19.64 8.25 7.92
C ALA A 388 18.74 7.10 7.49
N ILE A 389 17.42 7.28 7.51
CA ILE A 389 16.54 6.13 7.37
C ILE A 389 16.14 5.92 5.90
N ASP A 390 16.12 6.98 5.10
CA ASP A 390 16.11 6.85 3.62
C ASP A 390 14.98 5.99 3.04
N THR A 391 13.79 6.22 3.54
CA THR A 391 12.63 5.41 3.20
C THR A 391 11.80 6.04 2.09
N ALA A 392 10.99 5.22 1.42
CA ALA A 392 10.06 5.76 0.44
C ALA A 392 9.05 6.69 1.11
N ILE A 393 8.76 6.44 2.38
CA ILE A 393 7.77 7.21 3.13
C ILE A 393 8.37 7.61 4.48
N LEU A 394 8.22 8.89 4.82
CA LEU A 394 8.56 9.39 6.15
C LEU A 394 7.43 10.30 6.60
N VAL A 395 6.76 9.93 7.70
CA VAL A 395 5.68 10.76 8.25
C VAL A 395 6.15 11.38 9.55
N LYS A 396 5.93 12.70 9.67
CA LYS A 396 6.35 13.49 10.82
C LYS A 396 5.12 14.04 11.53
N ASN A 397 4.97 13.66 12.79
CA ASN A 397 3.91 14.14 13.68
C ASN A 397 2.49 13.88 13.20
N ALA A 398 2.28 12.67 12.70
CA ALA A 398 0.94 12.19 12.35
C ALA A 398 0.94 10.68 12.33
N PRO A 399 -0.27 10.08 12.30
CA PRO A 399 -0.30 8.64 12.03
C PRO A 399 0.26 8.30 10.67
N SER A 400 0.74 7.07 10.55
CA SER A 400 1.27 6.59 9.27
C SER A 400 0.36 6.81 8.06
N TYR A 401 -0.94 6.69 8.25
CA TYR A 401 -1.80 6.80 7.10
C TYR A 401 -1.86 8.21 6.53
N ALA A 402 -1.25 9.19 7.17
CA ALA A 402 -1.08 10.50 6.52
C ALA A 402 -0.25 10.39 5.26
N ALA A 403 0.53 9.31 5.14
CA ALA A 403 1.38 9.10 3.98
C ALA A 403 0.61 8.78 2.69
N ILE A 404 -0.66 8.36 2.82
CA ILE A 404 -1.48 8.08 1.64
C ILE A 404 -2.68 9.01 1.57
N GLY A 405 -2.54 10.18 2.20
CA GLY A 405 -3.53 11.23 2.03
C GLY A 405 -4.64 11.26 3.05
N PHE A 406 -4.56 10.42 4.07
CA PHE A 406 -5.51 10.45 5.17
C PHE A 406 -4.98 11.36 6.30
N GLY A 407 -5.29 12.65 6.25
CA GLY A 407 -4.72 13.60 7.20
C GLY A 407 -3.32 14.10 6.85
N GLY A 408 -2.93 13.94 5.58
CA GLY A 408 -1.67 14.50 5.10
C GLY A 408 -1.88 14.97 3.67
N GLU A 409 -1.08 15.95 3.25
CA GLU A 409 -1.11 16.37 1.84
C GLU A 409 -0.58 15.27 0.94
N GLY A 410 -1.24 15.08 -0.21
CA GLY A 410 -0.77 14.12 -1.19
C GLY A 410 -1.80 13.06 -1.52
N PHE A 411 -1.56 12.34 -2.61
CA PHE A 411 -2.54 11.36 -3.09
C PHE A 411 -2.39 10.01 -2.44
N CYS A 412 -3.40 9.19 -2.68
CA CYS A 412 -3.42 7.82 -2.18
C CYS A 412 -2.87 6.81 -3.17
N THR A 413 -2.09 5.86 -2.66
CA THR A 413 -1.81 4.63 -3.41
C THR A 413 -1.83 3.44 -2.46
N PHE A 414 -1.99 2.24 -3.02
CA PHE A 414 -1.82 0.99 -2.26
C PHE A 414 -0.70 0.14 -2.87
N THR A 415 0.08 0.76 -3.77
CA THR A 415 1.21 0.08 -4.38
C THR A 415 2.41 1.00 -4.21
N ILE A 416 3.21 0.69 -3.20
CA ILE A 416 4.36 1.49 -2.82
C ILE A 416 5.60 0.75 -3.26
N ALA A 417 6.18 1.23 -4.36
CA ALA A 417 7.24 0.51 -5.08
C ALA A 417 8.59 0.75 -4.42
N SER A 418 8.70 0.29 -3.18
CA SER A 418 9.90 0.50 -2.38
C SER A 418 11.13 -0.26 -2.90
N ARG A 419 10.89 -1.41 -3.51
CA ARG A 419 11.99 -2.24 -4.02
C ARG A 419 12.61 -1.65 -5.31
N THR A 420 11.78 -1.09 -6.20
CA THR A 420 12.25 -0.68 -7.52
C THR A 420 12.37 0.83 -7.65
N GLY A 421 11.89 1.55 -6.65
CA GLY A 421 12.17 2.96 -6.52
C GLY A 421 11.17 3.96 -7.02
N GLU A 422 10.06 3.51 -7.60
CA GLU A 422 9.10 4.46 -8.11
C GLU A 422 8.26 5.09 -6.96
N GLY A 423 8.43 4.62 -5.74
CA GLY A 423 7.69 5.19 -4.62
C GLY A 423 6.17 4.96 -4.68
N LEU A 424 5.40 5.96 -4.27
CA LEU A 424 3.94 5.83 -4.27
C LEU A 424 3.43 5.93 -5.71
N THR A 425 3.07 4.79 -6.27
CA THR A 425 2.69 4.72 -7.67
C THR A 425 1.34 5.40 -7.97
N SER A 426 1.25 5.89 -9.19
CA SER A 426 0.02 6.54 -9.67
C SER A 426 0.03 6.40 -11.19
N ALA A 427 -0.93 7.01 -11.86
CA ALA A 427 -1.09 6.87 -13.29
C ALA A 427 0.25 7.11 -14.05
N SER A 428 0.96 8.18 -13.69
CA SER A 428 2.18 8.53 -14.42
C SER A 428 3.24 7.42 -14.34
N THR A 429 3.21 6.64 -13.25
CA THR A 429 4.15 5.56 -13.08
C THR A 429 4.05 4.51 -14.18
N PHE A 430 2.83 4.29 -14.65
CA PHE A 430 2.54 3.19 -15.55
C PHE A 430 2.46 3.66 -17.00
N THR A 431 3.35 4.58 -17.37
CA THR A 431 3.42 5.08 -18.72
C THR A 431 4.84 5.06 -19.24
N LYS A 432 4.94 5.00 -20.56
CA LYS A 432 6.20 5.08 -21.28
C LYS A 432 6.42 6.55 -21.67
N ARG A 433 7.66 7.00 -21.62
CA ARG A 433 7.97 8.39 -21.94
C ARG A 433 8.34 8.46 -23.43
N ARG A 434 7.79 9.48 -24.07
CA ARG A 434 7.97 9.73 -25.48
C ARG A 434 8.39 11.19 -25.73
N ARG A 435 9.49 11.37 -26.44
CA ARG A 435 9.95 12.70 -26.83
C ARG A 435 9.61 12.94 -28.30
N CYS A 436 9.02 14.10 -28.59
CA CYS A 436 8.58 14.47 -29.91
C CYS A 436 9.25 15.81 -30.25
N VAL A 437 10.13 15.82 -31.25
CA VAL A 437 10.96 16.98 -31.58
C VAL A 437 10.48 17.60 -32.87
N MET A 438 9.85 18.76 -32.74
CA MET A 438 9.31 19.52 -33.87
C MET A 438 10.34 20.58 -34.20
N SER A 439 11.10 20.33 -35.24
CA SER A 439 12.28 21.12 -35.48
C SER A 439 11.97 22.38 -36.25
N ASP A 440 12.39 23.50 -35.66
CA ASP A 440 12.38 24.79 -36.30
C ASP A 440 10.98 25.24 -36.60
N SER A 441 10.02 24.79 -35.80
CA SER A 441 8.68 25.36 -35.85
C SER A 441 7.94 25.22 -34.52
N LEU A 442 6.85 25.98 -34.41
CA LEU A 442 5.91 25.91 -33.28
C LEU A 442 6.53 26.35 -31.95
N CYS A 443 7.59 27.16 -32.00
CA CYS A 443 7.89 28.06 -30.89
C CYS A 443 7.35 29.43 -31.27
N ILE A 444 6.30 29.90 -30.59
CA ILE A 444 5.60 31.11 -31.04
C ILE A 444 6.18 32.39 -30.51
N ARG A 445 7.20 32.32 -29.67
CA ARG A 445 7.66 33.50 -28.95
C ARG A 445 8.24 34.55 -29.88
#